data_7UAX
#
_entry.id   7UAX
#
_cell.length_a   123.841
_cell.length_b   123.841
_cell.length_c   83.291
_cell.angle_alpha   90.000
_cell.angle_beta   90.000
_cell.angle_gamma   90.000
#
_symmetry.space_group_name_H-M   'I 41 2 2'
#
loop_
_entity.id
_entity.type
_entity.pdbx_description
1 polymer 'Pyridoxal phosphate homeostasis protein'
2 non-polymer 'PHOSPHATE ION'
3 water water
#
_entity_poly.entity_id   1
_entity_poly.type   'polypeptide(L)'
_entity_poly.pdbx_seq_one_letter_code
;MNDIAHNLAQVRDKISAAATRCGRSPEEITLLAVSATAPASAIAEAIDAGQRQFGENYVQEGVDKIRHFQELGVTGLEWH
FIGPLQSNKSRLVAEHFDWCHTIDRLRIATRLNDQRPAELPPLNVLIQINISDENSKSGIQLAELDELAAAVAELPRLRL
RGLMAIPAPESEYVRQFEVARQMAVAFAGLKTRYPHIDTLSLGMSDDMEAAIAAGSTMVRIGTAIFGARDYSKK
;
_entity_poly.pdbx_strand_id   A
#
loop_
_chem_comp.id
_chem_comp.type
_chem_comp.name
_chem_comp.formula
PO4 non-polymer 'PHOSPHATE ION' 'O4 P -3'
#
# COMPACT_ATOMS: atom_id res chain seq x y z
N ASP A 3 -0.94 -22.74 -8.89
CA ASP A 3 -2.34 -22.32 -8.97
C ASP A 3 -2.62 -21.07 -8.13
N ILE A 4 -3.08 -20.01 -8.79
CA ILE A 4 -3.24 -18.73 -8.12
C ILE A 4 -4.30 -18.80 -7.05
N ALA A 5 -5.42 -19.47 -7.33
CA ALA A 5 -6.51 -19.54 -6.36
C ALA A 5 -6.08 -20.27 -5.10
N HIS A 6 -5.28 -21.34 -5.26
CA HIS A 6 -4.75 -22.03 -4.08
C HIS A 6 -3.81 -21.15 -3.29
N ASN A 7 -3.00 -20.36 -4.00
CA ASN A 7 -2.03 -19.51 -3.33
C ASN A 7 -2.71 -18.41 -2.53
N LEU A 8 -3.77 -17.82 -3.09
CA LEU A 8 -4.53 -16.81 -2.36
C LEU A 8 -5.10 -17.40 -1.08
N ALA A 9 -5.74 -18.57 -1.17
CA ALA A 9 -6.26 -19.23 0.02
C ALA A 9 -5.15 -19.46 1.03
N GLN A 10 -3.97 -19.90 0.58
CA GLN A 10 -2.88 -20.15 1.51
C GLN A 10 -2.37 -18.85 2.15
N VAL A 11 -2.27 -17.77 1.38
CA VAL A 11 -1.81 -16.52 1.96
C VAL A 11 -2.84 -15.98 2.95
N ARG A 12 -4.13 -16.02 2.58
CA ARG A 12 -5.18 -15.57 3.49
C ARG A 12 -5.18 -16.39 4.77
N ASP A 13 -4.79 -17.67 4.71
CA ASP A 13 -4.72 -18.49 5.92
C ASP A 13 -3.60 -18.01 6.83
N LYS A 14 -2.43 -17.73 6.25
CA LYS A 14 -1.31 -17.26 7.07
C LYS A 14 -1.59 -15.89 7.66
N ILE A 15 -2.23 -15.00 6.90
CA ILE A 15 -2.64 -13.72 7.47
C ILE A 15 -3.59 -13.95 8.63
N SER A 16 -4.64 -14.75 8.41
CA SER A 16 -5.65 -14.99 9.44
C SER A 16 -5.03 -15.56 10.71
N ALA A 17 -4.16 -16.55 10.56
CA ALA A 17 -3.46 -17.14 11.71
C ALA A 17 -2.68 -16.10 12.49
N ALA A 18 -1.83 -15.33 11.79
CA ALA A 18 -0.99 -14.35 12.46
C ALA A 18 -1.83 -13.33 13.22
N ALA A 19 -2.94 -12.90 12.65
CA ALA A 19 -3.81 -11.95 13.35
C ALA A 19 -4.40 -12.59 14.60
N THR A 20 -4.97 -13.78 14.45
CA THR A 20 -5.60 -14.46 15.58
CA THR A 20 -5.60 -14.42 15.60
C THR A 20 -4.59 -14.76 16.68
N ARG A 21 -3.36 -15.14 16.30
CA ARG A 21 -2.36 -15.48 17.31
C ARG A 21 -2.06 -14.30 18.24
N CYS A 22 -2.06 -13.08 17.70
CA CYS A 22 -1.75 -11.90 18.50
C CYS A 22 -3.00 -11.12 18.88
N GLY A 23 -4.16 -11.77 18.86
CA GLY A 23 -5.36 -11.19 19.42
C GLY A 23 -6.06 -10.18 18.53
N ARG A 24 -5.76 -10.16 17.24
CA ARG A 24 -6.37 -9.23 16.31
C ARG A 24 -7.39 -9.98 15.45
N SER A 25 -8.40 -9.26 15.03
CA SER A 25 -9.35 -9.86 14.11
C SER A 25 -8.73 -9.94 12.72
N PRO A 26 -8.84 -11.07 12.02
CA PRO A 26 -8.23 -11.13 10.67
C PRO A 26 -8.75 -10.06 9.74
N GLU A 27 -9.98 -9.56 9.94
CA GLU A 27 -10.52 -8.51 9.10
C GLU A 27 -9.76 -7.20 9.22
N GLU A 28 -8.94 -7.02 10.27
CA GLU A 28 -8.12 -5.82 10.41
C GLU A 28 -7.01 -5.73 9.36
N ILE A 29 -6.65 -6.83 8.72
CA ILE A 29 -5.52 -6.90 7.80
C ILE A 29 -6.03 -7.00 6.37
N THR A 30 -5.73 -5.99 5.56
CA THR A 30 -6.01 -6.06 4.14
C THR A 30 -4.89 -6.79 3.41
N LEU A 31 -5.24 -7.76 2.58
CA LEU A 31 -4.26 -8.39 1.68
C LEU A 31 -4.18 -7.58 0.41
N LEU A 32 -3.03 -6.95 0.16
CA LEU A 32 -2.77 -6.28 -1.11
C LEU A 32 -1.95 -7.23 -1.97
N ALA A 33 -2.56 -7.73 -3.04
CA ALA A 33 -1.88 -8.66 -3.94
C ALA A 33 -0.99 -7.85 -4.88
N VAL A 34 0.32 -8.04 -4.77
CA VAL A 34 1.26 -7.31 -5.61
C VAL A 34 1.33 -8.04 -6.95
N SER A 35 0.64 -7.48 -7.95
CA SER A 35 0.55 -8.10 -9.26
C SER A 35 1.57 -7.53 -10.25
N ALA A 36 2.51 -6.73 -9.78
CA ALA A 36 3.55 -6.23 -10.65
C ALA A 36 4.33 -7.39 -11.24
N THR A 37 4.63 -7.29 -12.55
CA THR A 37 5.29 -8.31 -13.37
C THR A 37 4.39 -9.50 -13.66
N ALA A 38 3.15 -9.58 -13.01
CA ALA A 38 2.31 -10.69 -13.43
C ALA A 38 1.37 -10.24 -14.55
N PRO A 39 1.03 -11.15 -15.48
CA PRO A 39 0.19 -10.75 -16.61
C PRO A 39 -1.25 -10.52 -16.20
N ALA A 40 -1.98 -9.78 -17.04
CA ALA A 40 -3.37 -9.51 -16.75
C ALA A 40 -4.17 -10.80 -16.61
N SER A 41 -3.79 -11.83 -17.36
CA SER A 41 -4.52 -13.08 -17.30
C SER A 41 -4.41 -13.70 -15.91
N ALA A 42 -3.23 -13.57 -15.28
CA ALA A 42 -3.06 -14.06 -13.91
C ALA A 42 -3.85 -13.21 -12.92
N ILE A 43 -3.89 -11.90 -13.12
CA ILE A 43 -4.73 -11.05 -12.29
C ILE A 43 -6.18 -11.52 -12.39
N ALA A 44 -6.62 -11.87 -13.60
CA ALA A 44 -8.01 -12.28 -13.78
C ALA A 44 -8.32 -13.57 -13.01
N GLU A 45 -7.34 -14.47 -12.90
CA GLU A 45 -7.48 -15.63 -12.03
C GLU A 45 -7.71 -15.19 -10.59
N ALA A 46 -6.83 -14.33 -10.08
CA ALA A 46 -6.99 -13.79 -8.73
C ALA A 46 -8.34 -13.13 -8.55
N ILE A 47 -8.78 -12.32 -9.54
CA ILE A 47 -10.10 -11.72 -9.43
C ILE A 47 -11.17 -12.80 -9.34
N ASP A 48 -11.03 -13.86 -10.15
CA ASP A 48 -12.01 -14.92 -10.11
C ASP A 48 -12.02 -15.62 -8.76
N ALA A 49 -10.89 -15.59 -8.04
CA ALA A 49 -10.79 -16.14 -6.70
C ALA A 49 -11.13 -15.13 -5.61
N GLY A 50 -11.80 -14.03 -5.96
CA GLY A 50 -12.25 -13.09 -4.95
C GLY A 50 -11.29 -11.95 -4.62
N GLN A 51 -10.06 -11.96 -5.13
CA GLN A 51 -9.13 -10.88 -4.82
C GLN A 51 -9.55 -9.61 -5.54
N ARG A 52 -9.55 -8.49 -4.81
CA ARG A 52 -10.00 -7.23 -5.39
C ARG A 52 -9.02 -6.07 -5.26
N GLN A 53 -8.01 -6.16 -4.41
CA GLN A 53 -7.06 -5.08 -4.24
C GLN A 53 -5.72 -5.53 -4.80
N PHE A 54 -5.17 -4.77 -5.75
CA PHE A 54 -3.94 -5.12 -6.43
C PHE A 54 -2.96 -3.96 -6.38
N GLY A 55 -1.69 -4.29 -6.18
CA GLY A 55 -0.66 -3.26 -6.15
C GLY A 55 0.31 -3.39 -7.32
N GLU A 56 0.65 -2.26 -7.94
CA GLU A 56 1.53 -2.21 -9.08
C GLU A 56 2.70 -1.27 -8.78
N ASN A 57 3.88 -1.63 -9.29
CA ASN A 57 5.11 -0.88 -9.04
C ASN A 57 5.45 0.10 -10.14
N TYR A 58 4.98 -0.14 -11.37
CA TYR A 58 5.31 0.70 -12.51
C TYR A 58 4.05 1.27 -13.11
N VAL A 59 4.09 2.55 -13.50
CA VAL A 59 2.86 3.27 -13.84
C VAL A 59 2.21 2.69 -15.10
N GLN A 60 2.97 2.56 -16.20
CA GLN A 60 2.33 2.18 -17.45
C GLN A 60 1.82 0.75 -17.40
N GLU A 61 2.62 -0.17 -16.85
CA GLU A 61 2.13 -1.52 -16.60
C GLU A 61 0.81 -1.48 -15.82
N GLY A 62 0.78 -0.69 -14.74
CA GLY A 62 -0.41 -0.63 -13.92
C GLY A 62 -1.59 -0.04 -14.65
N VAL A 63 -1.38 1.07 -15.35
CA VAL A 63 -2.46 1.74 -16.07
C VAL A 63 -3.02 0.84 -17.17
N ASP A 64 -2.18 0.01 -17.79
CA ASP A 64 -2.64 -0.88 -18.85
C ASP A 64 -3.57 -1.95 -18.28
N LYS A 65 -3.20 -2.55 -17.15
CA LYS A 65 -4.09 -3.49 -16.47
C LYS A 65 -5.39 -2.82 -16.07
N ILE A 66 -5.31 -1.62 -15.50
CA ILE A 66 -6.50 -0.94 -15.03
C ILE A 66 -7.47 -0.72 -16.19
N ARG A 67 -6.96 -0.26 -17.33
N ARG A 67 -6.96 -0.26 -17.34
CA ARG A 67 -7.83 -0.06 -18.49
CA ARG A 67 -7.82 -0.05 -18.50
C ARG A 67 -8.41 -1.38 -18.98
C ARG A 67 -8.39 -1.36 -19.02
N HIS A 68 -7.62 -2.44 -18.93
CA HIS A 68 -8.06 -3.72 -19.46
C HIS A 68 -9.26 -4.24 -18.69
N PHE A 69 -9.18 -4.23 -17.36
CA PHE A 69 -10.30 -4.71 -16.57
C PHE A 69 -11.47 -3.73 -16.57
N GLN A 70 -11.22 -2.43 -16.70
CA GLN A 70 -12.35 -1.52 -16.85
C GLN A 70 -13.13 -1.83 -18.12
N GLU A 71 -12.43 -2.17 -19.20
CA GLU A 71 -13.13 -2.36 -20.46
C GLU A 71 -13.88 -3.68 -20.50
N LEU A 72 -13.37 -4.71 -19.80
CA LEU A 72 -14.14 -5.94 -19.62
C LEU A 72 -15.41 -5.69 -18.82
N GLY A 73 -15.59 -4.50 -18.26
CA GLY A 73 -16.67 -4.28 -17.35
C GLY A 73 -16.52 -4.96 -16.00
N VAL A 74 -15.32 -5.43 -15.65
CA VAL A 74 -15.06 -5.87 -14.27
C VAL A 74 -15.11 -4.65 -13.36
N THR A 75 -16.05 -4.64 -12.43
CA THR A 75 -16.19 -3.54 -11.49
C THR A 75 -15.70 -3.97 -10.10
N GLY A 76 -15.48 -2.97 -9.24
CA GLY A 76 -15.21 -3.22 -7.84
C GLY A 76 -13.76 -3.46 -7.45
N LEU A 77 -12.80 -3.12 -8.32
CA LEU A 77 -11.41 -3.33 -7.97
C LEU A 77 -10.82 -2.09 -7.30
N GLU A 78 -9.74 -2.29 -6.56
CA GLU A 78 -8.98 -1.21 -5.93
C GLU A 78 -7.51 -1.36 -6.33
N TRP A 79 -6.98 -0.37 -7.04
CA TRP A 79 -5.60 -0.39 -7.52
C TRP A 79 -4.73 0.55 -6.69
N HIS A 80 -3.61 0.03 -6.22
CA HIS A 80 -2.68 0.76 -5.37
C HIS A 80 -1.38 0.96 -6.13
N PHE A 81 -0.94 2.20 -6.26
CA PHE A 81 0.40 2.40 -6.81
C PHE A 81 1.41 2.43 -5.67
N ILE A 82 2.34 1.49 -5.69
CA ILE A 82 3.23 1.28 -4.57
C ILE A 82 4.69 1.38 -4.97
N GLY A 83 4.97 1.86 -6.17
CA GLY A 83 6.32 2.10 -6.61
C GLY A 83 6.69 3.56 -6.49
N PRO A 84 7.97 3.89 -6.69
CA PRO A 84 8.38 5.29 -6.65
C PRO A 84 7.78 6.06 -7.82
N LEU A 85 7.32 7.28 -7.54
CA LEU A 85 6.56 8.06 -8.50
C LEU A 85 7.42 9.22 -9.01
N GLN A 86 7.65 9.23 -10.32
CA GLN A 86 8.32 10.36 -10.96
C GLN A 86 7.28 11.40 -11.36
N SER A 87 7.69 12.67 -11.36
CA SER A 87 6.74 13.73 -11.69
C SER A 87 6.19 13.62 -13.11
N ASN A 88 6.96 13.04 -14.04
CA ASN A 88 6.44 12.92 -15.40
C ASN A 88 5.43 11.78 -15.57
N LYS A 89 5.17 10.99 -14.53
CA LYS A 89 4.15 9.94 -14.61
C LYS A 89 3.04 10.12 -13.59
N SER A 90 3.02 11.26 -12.89
CA SER A 90 2.01 11.47 -11.86
C SER A 90 0.61 11.56 -12.43
N ARG A 91 0.45 12.15 -13.62
CA ARG A 91 -0.88 12.32 -14.17
C ARG A 91 -1.55 10.98 -14.41
N LEU A 92 -0.78 9.99 -14.88
CA LEU A 92 -1.31 8.66 -15.09
C LEU A 92 -1.73 8.01 -13.77
N VAL A 93 -0.97 8.24 -12.70
CA VAL A 93 -1.37 7.72 -11.40
C VAL A 93 -2.64 8.41 -10.92
N ALA A 94 -2.64 9.73 -10.97
CA ALA A 94 -3.77 10.51 -10.50
C ALA A 94 -5.04 10.21 -11.29
N GLU A 95 -4.92 9.83 -12.57
CA GLU A 95 -6.13 9.61 -13.34
C GLU A 95 -6.69 8.20 -13.20
N HIS A 96 -5.88 7.24 -12.78
CA HIS A 96 -6.32 5.84 -12.86
C HIS A 96 -6.27 5.08 -11.54
N PHE A 97 -5.37 5.43 -10.62
CA PHE A 97 -5.21 4.64 -9.42
C PHE A 97 -6.13 5.11 -8.30
N ASP A 98 -6.47 4.17 -7.39
CA ASP A 98 -7.29 4.48 -6.22
C ASP A 98 -6.47 4.86 -4.99
N TRP A 99 -5.27 4.29 -4.86
CA TRP A 99 -4.37 4.52 -3.73
C TRP A 99 -2.98 4.79 -4.27
N CYS A 100 -2.19 5.54 -3.50
CA CYS A 100 -0.76 5.66 -3.75
C CYS A 100 -0.03 5.61 -2.41
N HIS A 101 0.91 4.68 -2.27
CA HIS A 101 1.56 4.46 -0.99
C HIS A 101 2.88 5.21 -0.85
N THR A 102 3.32 5.96 -1.86
CA THR A 102 4.70 6.41 -1.90
C THR A 102 4.84 7.93 -1.89
N ILE A 103 4.00 8.63 -1.13
CA ILE A 103 4.16 10.06 -0.98
C ILE A 103 5.37 10.31 -0.08
N ASP A 104 6.44 10.88 -0.64
CA ASP A 104 7.55 11.28 0.20
C ASP A 104 8.07 12.68 -0.14
N ARG A 105 7.38 13.43 -0.98
CA ARG A 105 7.75 14.80 -1.33
C ARG A 105 6.47 15.57 -1.51
N LEU A 106 6.44 16.82 -1.03
CA LEU A 106 5.22 17.59 -1.17
C LEU A 106 4.89 17.90 -2.63
N ARG A 107 5.92 18.11 -3.47
CA ARG A 107 5.66 18.48 -4.87
C ARG A 107 4.91 17.39 -5.61
N ILE A 108 5.22 16.12 -5.33
CA ILE A 108 4.55 15.03 -6.03
C ILE A 108 3.11 14.91 -5.54
N ALA A 109 2.89 15.10 -4.25
CA ALA A 109 1.52 15.10 -3.74
C ALA A 109 0.69 16.23 -4.37
N THR A 110 1.29 17.41 -4.54
CA THR A 110 0.52 18.52 -5.10
C THR A 110 0.25 18.30 -6.59
N ARG A 111 1.22 17.74 -7.31
CA ARG A 111 0.99 17.35 -8.69
C ARG A 111 -0.16 16.35 -8.78
N LEU A 112 -0.11 15.28 -7.98
CA LEU A 112 -1.21 14.33 -7.95
C LEU A 112 -2.54 15.01 -7.68
N ASN A 113 -2.57 15.92 -6.71
CA ASN A 113 -3.80 16.60 -6.38
C ASN A 113 -4.32 17.41 -7.56
N ASP A 114 -3.42 18.14 -8.22
CA ASP A 114 -3.83 18.99 -9.32
C ASP A 114 -4.27 18.18 -10.53
N GLN A 115 -3.68 17.00 -10.73
CA GLN A 115 -3.95 16.21 -11.92
C GLN A 115 -5.11 15.24 -11.72
N ARG A 116 -5.60 15.10 -10.49
CA ARG A 116 -6.71 14.20 -10.19
C ARG A 116 -8.03 14.80 -10.69
N PRO A 117 -8.74 14.14 -11.61
CA PRO A 117 -10.05 14.65 -12.02
C PRO A 117 -10.99 14.80 -10.82
N ALA A 118 -11.78 15.88 -10.84
CA ALA A 118 -12.66 16.20 -9.71
C ALA A 118 -13.80 15.21 -9.54
N GLU A 119 -14.21 14.52 -10.61
CA GLU A 119 -15.28 13.53 -10.51
C GLU A 119 -14.86 12.27 -9.80
N LEU A 120 -13.57 12.03 -9.64
CA LEU A 120 -13.12 10.82 -8.98
C LEU A 120 -13.15 11.01 -7.48
N PRO A 121 -13.25 9.91 -6.71
CA PRO A 121 -13.00 10.04 -5.28
C PRO A 121 -11.61 10.58 -5.04
N PRO A 122 -11.39 11.21 -3.89
CA PRO A 122 -10.02 11.64 -3.56
C PRO A 122 -9.09 10.44 -3.64
N LEU A 123 -7.88 10.67 -4.15
CA LEU A 123 -6.89 9.61 -4.19
C LEU A 123 -6.38 9.35 -2.77
N ASN A 124 -6.53 8.10 -2.32
CA ASN A 124 -6.05 7.75 -0.98
C ASN A 124 -4.53 7.68 -0.98
N VAL A 125 -3.88 8.40 -0.07
CA VAL A 125 -2.42 8.44 -0.06
C VAL A 125 -1.89 8.02 1.31
N LEU A 126 -0.75 7.35 1.28
CA LEU A 126 0.07 7.10 2.44
C LEU A 126 1.38 7.86 2.28
N ILE A 127 1.90 8.37 3.39
CA ILE A 127 3.24 8.95 3.41
C ILE A 127 4.22 7.82 3.69
N GLN A 128 5.25 7.72 2.85
CA GLN A 128 6.23 6.65 2.96
C GLN A 128 7.37 7.08 3.86
N ILE A 129 7.66 6.25 4.87
CA ILE A 129 8.75 6.48 5.81
C ILE A 129 9.90 5.58 5.41
N ASN A 130 11.10 6.15 5.33
CA ASN A 130 12.29 5.31 5.27
C ASN A 130 12.70 5.07 6.72
N ILE A 131 12.24 3.95 7.26
CA ILE A 131 12.41 3.70 8.67
C ILE A 131 13.77 3.08 8.96
N SER A 132 14.34 2.31 8.01
CA SER A 132 15.57 1.58 8.36
C SER A 132 16.46 1.25 7.18
N ASP A 133 16.30 1.84 5.99
CA ASP A 133 17.03 1.37 4.81
C ASP A 133 17.97 2.46 4.26
N GLU A 134 19.27 2.32 4.57
CA GLU A 134 20.27 3.29 4.14
C GLU A 134 20.59 3.22 2.64
N ASN A 135 20.20 2.14 1.96
CA ASN A 135 20.44 2.02 0.52
C ASN A 135 19.31 2.57 -0.32
N SER A 136 18.18 2.93 0.30
CA SER A 136 17.03 3.45 -0.42
C SER A 136 16.98 4.97 -0.30
N LYS A 137 16.55 5.60 -1.37
CA LYS A 137 16.27 7.03 -1.34
C LYS A 137 14.78 7.30 -1.33
N SER A 138 13.97 6.27 -1.10
CA SER A 138 12.53 6.43 -1.00
C SER A 138 12.13 6.59 0.46
N GLY A 139 11.13 7.43 0.70
CA GLY A 139 10.57 7.67 2.01
C GLY A 139 11.28 8.80 2.73
N ILE A 140 10.55 9.43 3.65
CA ILE A 140 11.10 10.50 4.48
C ILE A 140 11.59 9.92 5.80
N GLN A 141 12.37 10.70 6.53
CA GLN A 141 12.66 10.44 7.92
C GLN A 141 11.45 10.75 8.78
N LEU A 142 11.34 10.07 9.92
CA LEU A 142 10.20 10.28 10.81
C LEU A 142 10.13 11.72 11.29
N ALA A 143 11.29 12.37 11.48
CA ALA A 143 11.30 13.76 11.92
C ALA A 143 10.62 14.70 10.93
N GLU A 144 10.52 14.31 9.65
CA GLU A 144 9.84 15.15 8.66
C GLU A 144 8.34 14.87 8.57
N LEU A 145 7.82 13.92 9.36
CA LEU A 145 6.48 13.42 9.12
C LEU A 145 5.42 14.47 9.47
N ASP A 146 5.54 15.09 10.65
CA ASP A 146 4.54 16.07 11.07
C ASP A 146 4.37 17.16 10.01
N GLU A 147 5.48 17.68 9.49
CA GLU A 147 5.42 18.77 8.52
C GLU A 147 4.78 18.31 7.21
N LEU A 148 5.28 17.20 6.65
CA LEU A 148 4.74 16.73 5.38
C LEU A 148 3.27 16.32 5.52
N ALA A 149 2.93 15.66 6.62
CA ALA A 149 1.53 15.25 6.79
C ALA A 149 0.61 16.46 6.81
N ALA A 150 1.02 17.54 7.49
CA ALA A 150 0.16 18.70 7.58
C ALA A 150 -0.06 19.31 6.20
N ALA A 151 1.00 19.41 5.41
CA ALA A 151 0.90 20.01 4.08
C ALA A 151 0.04 19.14 3.16
N VAL A 152 0.29 17.84 3.16
CA VAL A 152 -0.45 16.92 2.31
C VAL A 152 -1.91 16.89 2.70
N ALA A 153 -2.21 17.03 3.99
CA ALA A 153 -3.57 16.86 4.47
C ALA A 153 -4.53 17.91 3.92
N GLU A 154 -4.02 19.08 3.51
CA GLU A 154 -4.88 20.13 2.96
C GLU A 154 -5.28 19.89 1.51
N LEU A 155 -4.59 19.01 0.80
CA LEU A 155 -4.87 18.81 -0.63
C LEU A 155 -6.24 18.16 -0.79
N PRO A 156 -7.21 18.83 -1.43
CA PRO A 156 -8.60 18.36 -1.37
C PRO A 156 -8.89 17.13 -2.22
N ARG A 157 -8.10 16.88 -3.25
N ARG A 157 -8.09 16.87 -3.25
CA ARG A 157 -8.28 15.70 -4.09
CA ARG A 157 -8.29 15.69 -4.09
C ARG A 157 -7.45 14.52 -3.63
C ARG A 157 -7.41 14.53 -3.65
N LEU A 158 -6.75 14.65 -2.50
CA LEU A 158 -6.07 13.52 -1.87
C LEU A 158 -6.71 13.27 -0.51
N ARG A 159 -6.51 12.06 -0.01
CA ARG A 159 -6.98 11.71 1.32
C ARG A 159 -5.83 11.01 2.02
N LEU A 160 -5.24 11.67 3.01
CA LEU A 160 -4.16 11.06 3.79
C LEU A 160 -4.74 10.00 4.72
N ARG A 161 -4.33 8.75 4.50
CA ARG A 161 -4.90 7.61 5.19
C ARG A 161 -3.93 6.94 6.15
N GLY A 162 -2.67 7.32 6.14
CA GLY A 162 -1.71 6.69 7.03
C GLY A 162 -0.32 6.67 6.41
N LEU A 163 0.40 5.59 6.69
CA LEU A 163 1.83 5.49 6.44
C LEU A 163 2.15 4.19 5.72
N MET A 164 3.30 4.20 5.07
CA MET A 164 3.87 3.00 4.48
C MET A 164 5.36 3.00 4.74
N ALA A 165 5.93 1.80 4.84
CA ALA A 165 7.38 1.68 4.86
C ALA A 165 7.80 0.38 4.18
N ILE A 166 8.98 0.42 3.59
CA ILE A 166 9.69 -0.79 3.19
C ILE A 166 10.97 -0.83 4.02
N PRO A 167 10.96 -1.51 5.17
CA PRO A 167 12.18 -1.66 5.97
C PRO A 167 13.29 -2.29 5.14
N ALA A 168 14.53 -2.00 5.55
CA ALA A 168 15.66 -2.73 5.01
C ALA A 168 15.44 -4.22 5.21
N PRO A 169 15.95 -5.07 4.31
CA PRO A 169 15.82 -6.51 4.51
C PRO A 169 16.38 -6.91 5.86
N GLU A 170 15.68 -7.82 6.54
CA GLU A 170 16.04 -8.19 7.90
C GLU A 170 15.57 -9.62 8.16
N SER A 171 16.49 -10.45 8.64
CA SER A 171 16.22 -11.87 8.90
C SER A 171 15.80 -12.15 10.33
N GLU A 172 16.29 -11.36 11.29
CA GLU A 172 15.96 -11.56 12.69
C GLU A 172 14.53 -11.06 12.97
N TYR A 173 13.68 -11.97 13.45
CA TYR A 173 12.34 -11.61 13.88
C TYR A 173 12.33 -10.44 14.86
N VAL A 174 13.27 -10.43 15.81
CA VAL A 174 13.31 -9.37 16.82
C VAL A 174 13.43 -8.00 16.16
N ARG A 175 14.33 -7.89 15.18
CA ARG A 175 14.53 -6.61 14.50
C ARG A 175 13.34 -6.30 13.58
N GLN A 176 12.81 -7.31 12.90
CA GLN A 176 11.58 -7.13 12.14
C GLN A 176 10.50 -6.49 12.99
N PHE A 177 10.34 -6.98 14.22
CA PHE A 177 9.27 -6.50 15.09
C PHE A 177 9.57 -5.10 15.60
N GLU A 178 10.79 -4.88 16.07
CA GLU A 178 11.15 -3.58 16.62
C GLU A 178 11.01 -2.48 15.57
N VAL A 179 11.46 -2.76 14.35
CA VAL A 179 11.33 -1.78 13.27
C VAL A 179 9.85 -1.54 12.94
N ALA A 180 9.07 -2.62 12.85
CA ALA A 180 7.64 -2.44 12.57
C ALA A 180 6.95 -1.65 13.69
N ARG A 181 7.39 -1.86 14.94
CA ARG A 181 6.82 -1.11 16.06
C ARG A 181 7.09 0.38 15.94
N GLN A 182 8.30 0.75 15.52
CA GLN A 182 8.61 2.16 15.27
C GLN A 182 7.59 2.77 14.33
N MET A 183 7.23 2.02 13.29
CA MET A 183 6.20 2.49 12.37
C MET A 183 4.84 2.56 13.04
N ALA A 184 4.49 1.53 13.82
CA ALA A 184 3.18 1.52 14.46
C ALA A 184 3.06 2.65 15.46
N VAL A 185 4.14 2.95 16.18
CA VAL A 185 4.13 4.08 17.10
C VAL A 185 3.89 5.38 16.34
N ALA A 186 4.62 5.60 15.26
CA ALA A 186 4.41 6.80 14.44
C ALA A 186 2.98 6.85 13.90
N PHE A 187 2.50 5.71 13.43
CA PHE A 187 1.13 5.59 12.95
C PHE A 187 0.13 5.96 14.04
N ALA A 188 0.30 5.42 15.24
CA ALA A 188 -0.62 5.74 16.34
C ALA A 188 -0.61 7.23 16.68
N GLY A 189 0.58 7.83 16.70
CA GLY A 189 0.66 9.25 17.00
C GLY A 189 -0.04 10.09 15.96
N LEU A 190 0.13 9.72 14.69
CA LEU A 190 -0.59 10.39 13.61
C LEU A 190 -2.10 10.22 13.77
N LYS A 191 -2.54 9.01 14.14
CA LYS A 191 -3.97 8.71 14.22
C LYS A 191 -4.67 9.56 15.28
N THR A 192 -3.95 10.03 16.27
CA THR A 192 -4.60 10.82 17.35
C THR A 192 -4.91 12.23 16.88
N ARG A 193 -4.04 12.84 16.06
CA ARG A 193 -4.25 14.24 15.63
C ARG A 193 -4.98 14.35 14.27
N TYR A 194 -4.69 13.45 13.33
CA TYR A 194 -5.30 13.55 11.98
C TYR A 194 -6.61 12.76 11.84
N PRO A 195 -7.55 13.20 11.00
CA PRO A 195 -8.76 12.44 10.73
C PRO A 195 -8.49 11.30 9.77
N HIS A 196 -9.36 10.30 9.85
CA HIS A 196 -9.35 9.10 9.00
C HIS A 196 -7.94 8.60 8.67
N ILE A 197 -7.16 8.37 9.73
CA ILE A 197 -5.91 7.60 9.65
C ILE A 197 -6.26 6.16 10.00
N ASP A 198 -6.20 5.26 9.01
CA ASP A 198 -6.61 3.87 9.26
C ASP A 198 -5.74 2.85 8.53
N THR A 199 -4.66 3.27 7.88
CA THR A 199 -3.92 2.37 7.02
C THR A 199 -2.45 2.42 7.37
N LEU A 200 -1.91 1.30 7.81
CA LEU A 200 -0.47 1.13 8.01
C LEU A 200 -0.03 0.06 7.03
N SER A 201 0.50 0.48 5.88
CA SER A 201 0.94 -0.45 4.83
C SER A 201 2.33 -0.91 5.20
N LEU A 202 2.42 -2.13 5.72
CA LEU A 202 3.64 -2.60 6.35
C LEU A 202 3.65 -4.12 6.33
N GLY A 203 4.72 -4.69 5.80
CA GLY A 203 4.88 -6.13 5.80
C GLY A 203 4.74 -6.75 4.42
N MET A 204 5.63 -7.70 4.13
CA MET A 204 5.56 -8.54 2.93
C MET A 204 5.67 -9.99 3.41
N SER A 205 6.00 -10.92 2.51
CA SER A 205 5.96 -12.34 2.88
C SER A 205 6.97 -12.67 3.99
N ASP A 206 8.18 -12.12 3.92
CA ASP A 206 9.24 -12.54 4.82
C ASP A 206 9.11 -11.98 6.23
N ASP A 207 8.38 -10.88 6.42
CA ASP A 207 8.23 -10.30 7.74
C ASP A 207 6.77 -10.12 8.10
N MET A 208 5.89 -10.93 7.48
CA MET A 208 4.45 -10.73 7.59
C MET A 208 3.99 -10.83 9.04
N GLU A 209 4.58 -11.76 9.80
CA GLU A 209 4.12 -12.03 11.16
C GLU A 209 4.50 -10.90 12.09
N ALA A 210 5.76 -10.46 12.03
CA ALA A 210 6.20 -9.33 12.86
C ALA A 210 5.42 -8.06 12.53
N ALA A 211 5.20 -7.80 11.24
CA ALA A 211 4.43 -6.63 10.84
C ALA A 211 3.02 -6.69 11.42
N ILE A 212 2.36 -7.85 11.34
CA ILE A 212 0.99 -7.96 11.83
C ILE A 212 0.96 -7.85 13.34
N ALA A 213 1.91 -8.50 14.02
CA ALA A 213 1.98 -8.40 15.48
C ALA A 213 2.22 -6.97 15.92
N ALA A 214 2.92 -6.18 15.11
CA ALA A 214 3.27 -4.82 15.49
C ALA A 214 2.15 -3.83 15.23
N GLY A 215 1.17 -4.17 14.39
CA GLY A 215 0.08 -3.25 14.14
C GLY A 215 -0.20 -2.92 12.68
N SER A 216 0.42 -3.64 11.74
CA SER A 216 0.12 -3.39 10.33
C SER A 216 -1.35 -3.63 10.06
N THR A 217 -1.91 -2.85 9.13
CA THR A 217 -3.26 -3.08 8.64
C THR A 217 -3.29 -3.58 7.20
N MET A 218 -2.15 -3.63 6.53
CA MET A 218 -2.16 -4.00 5.13
C MET A 218 -0.82 -4.63 4.77
N VAL A 219 -0.84 -5.86 4.27
CA VAL A 219 0.36 -6.56 3.87
C VAL A 219 0.37 -6.66 2.35
N ARG A 220 1.57 -6.62 1.77
CA ARG A 220 1.79 -6.63 0.33
C ARG A 220 2.46 -7.94 -0.03
N ILE A 221 1.77 -8.79 -0.77
CA ILE A 221 2.26 -10.12 -1.10
C ILE A 221 2.24 -10.27 -2.61
N GLY A 222 3.39 -10.64 -3.18
CA GLY A 222 3.44 -10.79 -4.62
C GLY A 222 3.83 -12.18 -5.04
N THR A 223 5.09 -12.53 -4.78
CA THR A 223 5.66 -13.80 -5.22
C THR A 223 4.83 -14.99 -4.73
N ALA A 224 4.47 -14.98 -3.46
CA ALA A 224 3.72 -16.07 -2.86
C ALA A 224 2.34 -16.25 -3.48
N ILE A 225 1.88 -15.32 -4.31
CA ILE A 225 0.58 -15.43 -4.95
C ILE A 225 0.72 -15.76 -6.43
N PHE A 226 1.65 -15.10 -7.13
CA PHE A 226 1.80 -15.21 -8.57
C PHE A 226 3.06 -15.94 -9.01
N GLY A 227 3.79 -16.55 -8.08
CA GLY A 227 4.99 -17.28 -8.43
C GLY A 227 6.18 -16.41 -8.79
P PO4 B . -11.69 2.84 1.07
O1 PO4 B . -11.95 4.32 0.82
O2 PO4 B . -10.49 2.70 1.96
O3 PO4 B . -11.39 2.16 -0.25
O4 PO4 B . -12.88 2.20 1.74
P PO4 C . 7.22 -10.12 -2.48
O1 PO4 C . 7.83 -9.95 -3.86
O2 PO4 C . 6.57 -8.83 -2.05
O3 PO4 C . 8.29 -10.53 -1.50
O4 PO4 C . 6.16 -11.19 -2.52
#